data_2IZR
#
_entry.id   2IZR
#
_cell.length_a   56.724
_cell.length_b   56.724
_cell.length_c   223.344
_cell.angle_alpha   90.00
_cell.angle_beta   90.00
_cell.angle_gamma   120.00
#
_symmetry.space_group_name_H-M   'P 31 2 1'
#
loop_
_entity.id
_entity.type
_entity.pdbx_description
1 polymer 'CASEIN KINASE I ISOFORM GAMMA-3'
2 non-polymer {(2Z)-4-AMINO-2-[(4-METHOXYPHENYL)IMINO]-2,3-DIHYDRO-1,3-THIAZOL-5-YL}(4-METHOXYPHENYL)METHANONE
3 non-polymer 'MAGNESIUM ION'
4 non-polymer 'CHLORIDE ION'
5 non-polymer S-1,2-PROPANEDIOL
6 water water
#
_entity_poly.entity_id   1
_entity_poly.type   'polypeptide(L)'
_entity_poly.pdbx_seq_one_letter_code
;SMGVLMVGPNFRVGKKIGCGNFGELRLGKNLYTNEYVAIKLEPMKSRAPQLHLEYRFYKQLGSGDGIPQVYYFGPCGKYN
AMVLELLGPSLEDLFDLCDRTFSLKTVLMIAIQLISRMEYVHSKNLIYRDVKPENFLIGRPGNKTQQVIHIIDFALAKEY
IDPETKKHIPYREHKSLTGTARYMSINTHLGKEQSRRDDLEALGHMFMYFLRGSLPWQGLKADTLKERYQKIGDTKRATP
IEVLCENFPEMATYLRYVRRLDFFEKPDYDYLRKLFTDLFDRKGYMFDYEYDWIGKQLPTPVGAVQQDPALSSNREAHQH
RDKMQQSKNQ
;
_entity_poly.pdbx_strand_id   A
#
# COMPACT_ATOMS: atom_id res chain seq x y z
N VAL A 4 -11.50 12.78 -25.36
CA VAL A 4 -12.71 11.95 -25.65
C VAL A 4 -13.64 11.96 -24.44
N LEU A 5 -14.93 11.91 -24.71
CA LEU A 5 -15.96 12.14 -23.71
C LEU A 5 -16.27 10.94 -22.83
N MET A 6 -15.96 9.72 -23.32
CA MET A 6 -16.43 8.45 -22.73
C MET A 6 -15.33 7.40 -22.67
N VAL A 7 -15.41 6.53 -21.66
CA VAL A 7 -14.64 5.30 -21.63
C VAL A 7 -15.58 4.11 -21.51
N GLY A 8 -15.40 3.12 -22.39
CA GLY A 8 -16.33 2.02 -22.49
C GLY A 8 -17.72 2.49 -22.95
N PRO A 9 -18.72 1.64 -22.73
CA PRO A 9 -20.08 2.00 -23.13
C PRO A 9 -20.71 3.12 -22.30
N ASN A 10 -20.24 3.29 -21.07
CA ASN A 10 -21.08 3.96 -20.07
C ASN A 10 -20.39 4.91 -19.11
N PHE A 11 -19.07 5.06 -19.20
CA PHE A 11 -18.35 5.92 -18.26
C PHE A 11 -17.97 7.25 -18.89
N ARG A 12 -18.56 8.35 -18.39
CA ARG A 12 -18.21 9.71 -18.79
C ARG A 12 -16.89 10.08 -18.12
N VAL A 13 -15.99 10.66 -18.91
CA VAL A 13 -14.70 11.11 -18.40
C VAL A 13 -14.80 12.55 -17.92
N GLY A 14 -14.43 12.78 -16.68
CA GLY A 14 -14.49 14.10 -16.06
C GLY A 14 -13.11 14.68 -15.82
N LYS A 15 -13.05 15.55 -14.82
CA LYS A 15 -11.88 16.39 -14.57
C LYS A 15 -10.72 15.60 -13.98
N LYS A 16 -9.51 16.12 -14.17
CA LYS A 16 -8.34 15.62 -13.47
C LYS A 16 -8.52 15.82 -11.98
N ILE A 17 -8.20 14.80 -11.18
CA ILE A 17 -8.35 14.88 -9.72
C ILE A 17 -7.09 14.41 -9.00
N GLY A 18 -7.02 14.73 -7.71
CA GLY A 18 -5.85 14.47 -6.89
C GLY A 18 -4.69 15.42 -7.17
N CYS A 19 -3.71 15.40 -6.28
CA CYS A 19 -2.47 16.16 -6.45
C CYS A 19 -1.37 15.29 -7.08
N ASN A 21 -0.24 13.70 -10.23
CA ASN A 21 -0.97 12.84 -11.15
C ASN A 21 -0.76 13.24 -12.61
N PHE A 22 -0.87 14.54 -12.89
CA PHE A 22 -0.59 15.08 -14.22
C PHE A 22 -1.49 14.48 -15.33
N GLY A 23 -2.79 14.36 -15.03
CA GLY A 23 -3.74 13.76 -15.96
C GLY A 23 -3.82 12.23 -15.90
N GLU A 24 -3.06 11.61 -15.00
CA GLU A 24 -3.11 10.17 -14.88
C GLU A 24 -4.44 9.73 -14.26
N LEU A 25 -5.09 10.60 -13.50
CA LEU A 25 -6.28 10.24 -12.73
C LEU A 25 -7.39 11.24 -12.97
N ARG A 26 -8.57 10.73 -13.38
CA ARG A 26 -9.73 11.58 -13.60
C ARG A 26 -10.91 11.05 -12.81
N LEU A 27 -11.79 11.97 -12.46
CA LEU A 27 -13.12 11.60 -12.01
C LEU A 27 -13.91 11.10 -13.20
N GLY A 28 -14.73 10.09 -12.96
CA GLY A 28 -15.66 9.62 -14.00
C GLY A 28 -17.03 9.40 -13.42
N LYS A 29 -17.99 9.13 -14.29
CA LYS A 29 -19.33 8.83 -13.87
C LYS A 29 -19.88 7.70 -14.70
N ASN A 30 -20.36 6.66 -14.04
CA ASN A 30 -21.14 5.62 -14.68
C ASN A 30 -22.53 6.20 -14.96
N LEU A 31 -22.77 6.58 -16.23
CA LEU A 31 -24.05 7.19 -16.61
C LEU A 31 -25.21 6.20 -16.45
N TYR A 32 -24.92 4.90 -16.57
CA TYR A 32 -25.96 3.89 -16.49
C TYR A 32 -26.49 3.73 -15.07
N THR A 33 -25.64 3.96 -14.08
CA THR A 33 -25.97 3.73 -12.66
C THR A 33 -25.95 5.01 -11.80
N ASN A 34 -25.62 6.15 -12.39
CA ASN A 34 -25.52 7.39 -11.64
C ASN A 34 -24.55 7.30 -10.45
N GLU A 35 -23.38 6.73 -10.70
CA GLU A 35 -22.33 6.58 -9.69
C GLU A 35 -21.01 7.15 -10.17
N TYR A 36 -20.30 7.84 -9.28
CA TYR A 36 -18.96 8.30 -9.58
C TYR A 36 -17.96 7.17 -9.47
N VAL A 37 -16.90 7.26 -10.28
CA VAL A 37 -15.83 6.28 -10.33
C VAL A 37 -14.50 7.02 -10.51
N ALA A 38 -13.40 6.28 -10.34
CA ALA A 38 -12.05 6.78 -10.64
C ALA A 38 -11.63 6.21 -11.98
N ILE A 39 -11.00 7.05 -12.81
CA ILE A 39 -10.50 6.59 -14.12
C ILE A 39 -8.97 6.80 -14.14
N LYS A 40 -8.23 5.70 -14.23
CA LYS A 40 -6.76 5.74 -14.35
C LYS A 40 -6.41 5.62 -15.83
N LEU A 41 -5.57 6.53 -16.30
CA LEU A 41 -5.21 6.59 -17.71
C LEU A 41 -3.71 6.39 -17.89
N GLU A 42 -3.34 5.68 -18.95
CA GLU A 42 -1.93 5.50 -19.28
C GLU A 42 -1.82 5.69 -20.79
N PRO A 43 -0.91 6.56 -21.24
CA PRO A 43 -0.76 6.74 -22.69
C PRO A 43 -0.46 5.42 -23.39
N MET A 44 -1.08 5.20 -24.54
CA MET A 44 -0.75 4.02 -25.32
C MET A 44 0.71 3.99 -25.73
N LYS A 45 1.32 5.18 -25.86
CA LYS A 45 2.74 5.31 -26.23
C LYS A 45 3.73 5.09 -25.07
N SER A 46 3.23 4.72 -23.89
CA SER A 46 4.11 4.58 -22.73
C SER A 46 5.27 3.65 -23.03
N ARG A 47 6.46 4.08 -22.62
CA ARG A 47 7.67 3.26 -22.80
C ARG A 47 7.80 2.18 -21.71
N ALA A 48 6.95 2.25 -20.68
CA ALA A 48 6.96 1.28 -19.60
C ALA A 48 5.53 1.03 -19.14
N PRO A 49 4.76 0.33 -19.97
CA PRO A 49 3.35 0.12 -19.61
C PRO A 49 3.17 -0.72 -18.36
N GLN A 50 2.22 -0.32 -17.52
CA GLN A 50 1.95 -1.00 -16.27
C GLN A 50 0.46 -1.23 -16.01
N LEU A 51 -0.42 -0.50 -16.68
CA LEU A 51 -1.84 -0.52 -16.33
C LEU A 51 -2.48 -1.86 -16.66
N HIS A 52 -2.17 -2.44 -17.82
CA HIS A 52 -2.81 -3.72 -18.15
C HIS A 52 -2.37 -4.82 -17.19
N LEU A 53 -1.09 -4.85 -16.85
CA LEU A 53 -0.63 -5.84 -15.87
C LEU A 53 -1.30 -5.62 -14.51
N GLU A 54 -1.49 -4.37 -14.14
CA GLU A 54 -2.21 -4.04 -12.92
C GLU A 54 -3.66 -4.60 -12.95
N TYR A 55 -4.35 -4.39 -14.04
CA TYR A 55 -5.67 -4.95 -14.22
C TYR A 55 -5.69 -6.47 -14.05
N ARG A 56 -4.69 -7.13 -14.62
CA ARG A 56 -4.61 -8.58 -14.50
C ARG A 56 -4.38 -9.02 -13.03
N PHE A 57 -3.60 -8.27 -12.28
CA PHE A 57 -3.43 -8.57 -10.85
C PHE A 57 -4.78 -8.39 -10.11
N TYR A 58 -5.53 -7.32 -10.43
CA TYR A 58 -6.86 -7.19 -9.85
C TYR A 58 -7.78 -8.38 -10.18
N LYS A 59 -7.69 -8.90 -11.40
CA LYS A 59 -8.51 -10.06 -11.73
C LYS A 59 -8.10 -11.29 -10.90
N GLN A 60 -6.81 -11.46 -10.68
CA GLN A 60 -6.32 -12.55 -9.84
C GLN A 60 -6.73 -12.38 -8.38
N LEU A 61 -6.74 -11.14 -7.89
CA LEU A 61 -7.18 -10.87 -6.50
C LEU A 61 -8.65 -11.19 -6.29
N GLY A 62 -9.48 -10.90 -7.30
CA GLY A 62 -10.91 -11.06 -7.17
C GLY A 62 -11.51 -10.08 -6.20
N SER A 63 -12.76 -10.34 -5.84
CA SER A 63 -13.50 -9.44 -5.00
C SER A 63 -13.10 -9.69 -3.57
N GLY A 64 -12.68 -8.64 -2.88
CA GLY A 64 -12.25 -8.82 -1.50
C GLY A 64 -12.43 -7.58 -0.67
N ASP A 65 -12.45 -7.79 0.64
CA ASP A 65 -12.60 -6.71 1.61
C ASP A 65 -11.43 -5.76 1.46
N GLY A 66 -11.72 -4.47 1.28
CA GLY A 66 -10.66 -3.48 1.22
C GLY A 66 -9.90 -3.50 -0.08
N ILE A 67 -10.44 -4.14 -1.10
CA ILE A 67 -9.88 -4.07 -2.43
C ILE A 67 -10.88 -3.31 -3.30
N PRO A 68 -10.44 -2.25 -3.98
CA PRO A 68 -11.42 -1.53 -4.80
C PRO A 68 -12.01 -2.42 -5.90
N GLN A 69 -13.29 -2.23 -6.17
CA GLN A 69 -13.92 -2.86 -7.30
C GLN A 69 -13.33 -2.30 -8.60
N VAL A 70 -13.13 -3.16 -9.58
CA VAL A 70 -12.67 -2.71 -10.89
C VAL A 70 -13.78 -3.00 -11.89
N TYR A 71 -14.10 -2.02 -12.71
CA TYR A 71 -15.29 -2.09 -13.56
C TYR A 71 -15.01 -2.30 -15.04
N TYR A 72 -13.83 -1.86 -15.50
CA TYR A 72 -13.54 -1.81 -16.92
C TYR A 72 -12.07 -1.59 -17.18
N PHE A 73 -11.56 -2.22 -18.23
CA PHE A 73 -10.26 -1.88 -18.78
C PHE A 73 -10.44 -1.81 -20.28
N GLY A 74 -9.97 -0.72 -20.86
CA GLY A 74 -10.07 -0.59 -22.31
C GLY A 74 -9.56 0.74 -22.81
N PRO A 75 -9.60 0.93 -24.14
CA PRO A 75 -9.07 2.14 -24.72
C PRO A 75 -9.95 3.35 -24.54
N CYS A 76 -9.30 4.52 -24.50
CA CYS A 76 -9.98 5.81 -24.38
C CYS A 76 -9.09 6.81 -25.12
N GLY A 77 -9.46 7.15 -26.35
CA GLY A 77 -8.58 7.95 -27.18
C GLY A 77 -7.21 7.29 -27.31
N LYS A 78 -6.16 8.05 -27.07
CA LYS A 78 -4.80 7.53 -27.16
C LYS A 78 -4.29 6.99 -25.83
N TYR A 79 -5.22 6.61 -24.96
CA TYR A 79 -4.91 6.06 -23.64
C TYR A 79 -5.49 4.67 -23.45
N ASN A 80 -4.84 3.87 -22.63
CA ASN A 80 -5.52 2.76 -21.98
C ASN A 80 -6.06 3.27 -20.65
N ALA A 81 -7.25 2.78 -20.30
CA ALA A 81 -7.98 3.27 -19.14
C ALA A 81 -8.41 2.10 -18.28
N MET A 82 -8.35 2.29 -16.97
CA MET A 82 -8.92 1.35 -16.03
C MET A 82 -9.88 2.14 -15.15
N VAL A 83 -11.11 1.65 -15.07
CA VAL A 83 -12.17 2.29 -14.32
C VAL A 83 -12.35 1.49 -13.04
N LEU A 84 -12.23 2.17 -11.91
CA LEU A 84 -12.34 1.51 -10.61
C LEU A 84 -13.14 2.33 -9.63
N GLU A 85 -13.49 1.69 -8.52
CA GLU A 85 -14.21 2.32 -7.44
C GLU A 85 -13.51 3.58 -6.96
N LEU A 86 -14.28 4.67 -6.80
CA LEU A 86 -13.79 5.91 -6.24
C LEU A 86 -13.75 5.72 -4.73
N LEU A 87 -12.57 5.91 -4.16
CA LEU A 87 -12.35 5.79 -2.74
C LEU A 87 -12.14 7.18 -2.12
N GLY A 88 -11.93 7.22 -0.82
CA GLY A 88 -11.64 8.45 -0.09
C GLY A 88 -10.15 8.75 -0.07
N PRO A 89 -9.75 9.67 0.82
CA PRO A 89 -8.35 10.08 0.90
C PRO A 89 -7.39 8.96 1.32
N SER A 90 -6.12 9.13 0.97
CA SER A 90 -5.09 8.20 1.40
C SER A 90 -4.66 8.46 2.84
N LEU A 91 -3.97 7.47 3.39
CA LEU A 91 -3.40 7.62 4.72
C LEU A 91 -2.41 8.77 4.79
N GLU A 92 -1.66 9.01 3.70
CA GLU A 92 -0.77 10.17 3.69
C GLU A 92 -1.54 11.48 3.75
N ASP A 93 -2.63 11.58 2.98
CA ASP A 93 -3.50 12.77 3.02
C ASP A 93 -4.01 12.97 4.45
N LEU A 94 -4.47 11.88 5.04
CA LEU A 94 -5.05 11.93 6.38
C LEU A 94 -4.00 12.26 7.44
N PHE A 95 -2.80 11.73 7.23
CA PHE A 95 -1.67 11.99 8.13
C PHE A 95 -1.36 13.49 8.15
N ASP A 96 -1.31 14.08 6.98
CA ASP A 96 -1.11 15.53 6.87
C ASP A 96 -2.22 16.29 7.63
N LEU A 97 -3.46 15.87 7.44
CA LEU A 97 -4.60 16.49 8.14
C LEU A 97 -4.49 16.41 9.67
N CYS A 98 -3.86 15.36 10.15
CA CYS A 98 -3.65 15.11 11.57
C CYS A 98 -2.28 15.57 12.05
N ASP A 99 -1.67 16.50 11.32
CA ASP A 99 -0.42 17.14 11.76
C ASP A 99 0.76 16.16 11.86
N ARG A 100 0.69 15.12 11.04
CA ARG A 100 1.79 14.21 10.83
C ARG A 100 2.23 13.44 12.08
N THR A 101 1.24 13.05 12.88
CA THR A 101 1.37 11.95 13.84
C THR A 101 -0.01 11.32 13.95
N PHE A 102 -0.04 9.98 14.12
CA PHE A 102 -1.28 9.29 14.48
C PHE A 102 -1.12 8.71 15.89
N SER A 103 -2.22 8.69 16.62
CA SER A 103 -2.31 8.02 17.91
C SER A 103 -2.06 6.53 17.77
N LEU A 104 -1.64 5.90 18.87
CA LEU A 104 -1.47 4.47 18.88
C LEU A 104 -2.80 3.78 18.51
N LYS A 105 -3.92 4.25 19.05
CA LYS A 105 -5.21 3.61 18.72
C LYS A 105 -5.47 3.61 17.20
N THR A 106 -5.24 4.75 16.55
CA THR A 106 -5.44 4.83 15.10
C THR A 106 -4.46 3.91 14.37
N VAL A 107 -3.18 3.93 14.78
CA VAL A 107 -2.21 3.06 14.13
C VAL A 107 -2.59 1.58 14.29
N LEU A 108 -3.04 1.19 15.48
CA LEU A 108 -3.43 -0.20 15.66
C LEU A 108 -4.67 -0.58 14.85
N MET A 109 -5.66 0.31 14.75
CA MET A 109 -6.83 0.00 13.90
C MET A 109 -6.38 -0.17 12.45
N ILE A 110 -5.48 0.68 11.99
CA ILE A 110 -4.92 0.54 10.65
C ILE A 110 -4.15 -0.79 10.52
N ALA A 111 -3.27 -1.05 11.48
CA ALA A 111 -2.38 -2.19 11.42
C ALA A 111 -3.12 -3.53 11.41
N ILE A 112 -4.12 -3.65 12.28
CA ILE A 112 -4.89 -4.87 12.35
C ILE A 112 -5.53 -5.15 10.99
N GLN A 113 -6.11 -4.12 10.39
CA GLN A 113 -6.67 -4.26 9.06
C GLN A 113 -5.64 -4.60 7.99
N LEU A 114 -4.50 -3.92 8.01
CA LEU A 114 -3.54 -4.09 6.93
C LEU A 114 -2.79 -5.43 7.00
N ILE A 115 -2.62 -6.00 8.21
CA ILE A 115 -2.10 -7.37 8.29
C ILE A 115 -3.07 -8.31 7.54
N SER A 116 -4.37 -8.14 7.77
CA SER A 116 -5.38 -8.95 7.09
C SER A 116 -5.40 -8.69 5.57
N ARG A 117 -5.26 -7.43 5.19
CA ARG A 117 -5.28 -7.05 3.78
C ARG A 117 -4.10 -7.72 3.08
N MET A 118 -2.92 -7.70 3.72
CA MET A 118 -1.76 -8.35 3.13
C MET A 118 -1.91 -9.86 3.11
N GLU A 119 -2.48 -10.41 4.19
CA GLU A 119 -2.77 -11.85 4.19
C GLU A 119 -3.64 -12.23 2.98
N TYR A 120 -4.67 -11.44 2.72
CA TYR A 120 -5.55 -11.69 1.56
C TYR A 120 -4.76 -11.68 0.24
N VAL A 121 -3.96 -10.64 0.04
CA VAL A 121 -3.13 -10.53 -1.18
C VAL A 121 -2.24 -11.78 -1.31
N HIS A 122 -1.57 -12.12 -0.23
CA HIS A 122 -0.68 -13.30 -0.22
C HIS A 122 -1.45 -14.59 -0.48
N SER A 123 -2.70 -14.66 -0.02
CA SER A 123 -3.54 -15.85 -0.22
C SER A 123 -3.90 -16.06 -1.68
N LYS A 124 -3.81 -15.00 -2.48
CA LYS A 124 -4.05 -15.04 -3.91
C LYS A 124 -2.75 -15.20 -4.70
N ASN A 125 -1.68 -15.61 -4.00
CA ASN A 125 -0.39 -15.94 -4.63
C ASN A 125 0.38 -14.71 -5.14
N LEU A 126 0.04 -13.55 -4.58
CA LEU A 126 0.71 -12.31 -4.95
C LEU A 126 1.45 -11.72 -3.76
N ILE A 127 2.59 -11.08 -4.05
CA ILE A 127 3.23 -10.16 -3.14
C ILE A 127 3.03 -8.76 -3.72
N TYR A 128 3.00 -7.78 -2.83
CA TYR A 128 2.53 -6.44 -3.16
C TYR A 128 3.66 -5.51 -3.59
N ARG A 129 4.69 -5.38 -2.75
CA ARG A 129 5.94 -4.71 -3.10
C ARG A 129 5.86 -3.19 -3.26
N ASP A 130 4.78 -2.55 -2.82
CA ASP A 130 4.68 -1.11 -2.91
C ASP A 130 4.01 -0.46 -1.69
N VAL A 131 4.39 -0.94 -0.51
CA VAL A 131 3.85 -0.35 0.69
C VAL A 131 4.30 1.10 0.83
N LYS A 132 3.32 1.97 1.03
CA LYS A 132 3.51 3.39 1.34
C LYS A 132 2.13 3.95 1.72
N PRO A 133 2.10 5.01 2.54
CA PRO A 133 0.82 5.55 2.98
C PRO A 133 -0.09 6.05 1.86
N GLU A 134 0.49 6.50 0.76
CA GLU A 134 -0.25 6.94 -0.41
C GLU A 134 -1.11 5.85 -1.05
N ASN A 135 -0.81 4.57 -0.75
CA ASN A 135 -1.48 3.46 -1.41
C ASN A 135 -2.54 2.79 -0.56
N PHE A 136 -2.85 3.37 0.59
CA PHE A 136 -3.92 2.89 1.46
C PHE A 136 -4.94 4.01 1.62
N LEU A 137 -6.19 3.75 1.18
CA LEU A 137 -7.23 4.77 1.11
C LEU A 137 -8.45 4.34 1.91
N ILE A 138 -9.07 5.27 2.61
CA ILE A 138 -10.35 4.98 3.24
C ILE A 138 -11.42 4.95 2.12
N GLY A 139 -12.59 4.40 2.41
CA GLY A 139 -13.70 4.48 1.49
C GLY A 139 -14.39 5.83 1.47
N ARG A 140 -15.47 5.90 0.71
CA ARG A 140 -16.39 7.01 0.68
C ARG A 140 -17.62 6.64 1.51
N PRO A 141 -18.20 7.62 2.21
CA PRO A 141 -19.45 7.39 2.99
C PRO A 141 -20.56 6.70 2.18
N GLY A 142 -20.74 7.12 0.93
CA GLY A 142 -21.82 6.61 0.08
C GLY A 142 -21.86 5.10 -0.11
N ASN A 143 -20.70 4.44 0.00
CA ASN A 143 -20.65 2.98 -0.08
C ASN A 143 -20.54 2.28 1.29
N LYS A 144 -20.73 3.00 2.41
CA LYS A 144 -20.70 2.38 3.75
C LYS A 144 -19.34 1.71 4.08
N THR A 145 -18.29 2.13 3.38
CA THR A 145 -16.95 1.63 3.62
C THR A 145 -15.95 2.74 3.96
N GLN A 146 -16.44 3.93 4.39
CA GLN A 146 -15.52 5.01 4.79
C GLN A 146 -14.59 4.63 5.92
N GLN A 147 -14.99 3.63 6.71
CA GLN A 147 -14.19 3.17 7.83
C GLN A 147 -13.13 2.19 7.41
N VAL A 148 -13.24 1.62 6.21
CA VAL A 148 -12.37 0.50 5.83
C VAL A 148 -11.10 1.01 5.15
N ILE A 149 -9.94 0.53 5.59
CA ILE A 149 -8.69 0.87 4.92
C ILE A 149 -8.52 -0.07 3.72
N HIS A 150 -8.51 0.52 2.52
CA HIS A 150 -8.35 -0.22 1.26
C HIS A 150 -6.89 -0.13 0.81
N ILE A 151 -6.50 -1.08 -0.06
CA ILE A 151 -5.19 -1.11 -0.69
C ILE A 151 -5.38 -0.91 -2.20
N ILE A 152 -4.56 -0.03 -2.77
CA ILE A 152 -4.55 0.25 -4.20
C ILE A 152 -3.14 0.14 -4.76
N ASP A 153 -3.06 0.21 -6.08
CA ASP A 153 -1.81 0.31 -6.83
C ASP A 153 -1.02 -1.00 -6.84
N PHE A 154 -1.44 -1.91 -7.71
CA PHE A 154 -0.86 -3.22 -7.83
C PHE A 154 0.12 -3.35 -9.01
N ALA A 155 0.58 -2.23 -9.54
CA ALA A 155 1.48 -2.27 -10.70
C ALA A 155 2.80 -2.95 -10.42
N LEU A 156 3.23 -2.93 -9.15
CA LEU A 156 4.52 -3.53 -8.76
C LEU A 156 4.38 -4.92 -8.14
N ALA A 157 3.19 -5.51 -8.19
CA ALA A 157 2.96 -6.80 -7.59
C ALA A 157 3.68 -7.92 -8.37
N LYS A 158 3.76 -9.09 -7.75
CA LYS A 158 4.35 -10.23 -8.38
C LYS A 158 3.74 -11.50 -7.86
N GLU A 159 3.60 -12.48 -8.75
CA GLU A 159 3.13 -13.82 -8.38
C GLU A 159 4.32 -14.55 -7.72
N TYR A 160 4.18 -14.91 -6.44
CA TYR A 160 5.29 -15.55 -5.70
C TYR A 160 5.19 -17.09 -5.64
N ILE A 161 4.07 -17.62 -6.14
CA ILE A 161 3.88 -19.05 -6.37
C ILE A 161 3.80 -19.20 -7.87
N ASP A 162 4.73 -19.94 -8.45
CA ASP A 162 4.71 -20.14 -9.90
C ASP A 162 3.51 -21.03 -10.26
N PRO A 163 2.63 -20.54 -11.17
CA PRO A 163 1.32 -21.16 -11.39
C PRO A 163 1.32 -22.61 -11.92
N GLU A 164 2.32 -23.00 -12.69
CA GLU A 164 2.38 -24.37 -13.19
C GLU A 164 2.94 -25.33 -12.15
N THR A 165 4.07 -24.97 -11.52
CA THR A 165 4.75 -25.86 -10.59
C THR A 165 4.14 -25.80 -9.20
N LYS A 166 3.48 -24.68 -8.88
CA LYS A 166 2.96 -24.42 -7.53
C LYS A 166 4.09 -24.29 -6.50
N LYS A 167 5.30 -23.99 -6.99
CA LYS A 167 6.44 -23.80 -6.12
C LYS A 167 6.60 -22.30 -5.88
N HIS A 168 7.00 -21.96 -4.67
CA HIS A 168 7.44 -20.60 -4.33
C HIS A 168 8.57 -20.22 -5.32
N ILE A 169 8.58 -18.95 -5.72
CA ILE A 169 9.63 -18.42 -6.58
C ILE A 169 11.00 -18.63 -5.91
N PRO A 170 12.05 -18.85 -6.71
CA PRO A 170 13.36 -19.11 -6.11
C PRO A 170 13.98 -17.87 -5.49
N TYR A 171 14.89 -18.08 -4.55
CA TYR A 171 15.67 -16.99 -4.01
C TYR A 171 16.66 -16.56 -5.07
N ARG A 172 16.84 -15.25 -5.19
CA ARG A 172 17.93 -14.71 -5.93
C ARG A 172 18.22 -13.27 -5.48
N GLU A 173 19.30 -12.71 -6.03
CA GLU A 173 19.75 -11.39 -5.67
C GLU A 173 19.92 -10.54 -6.93
N HIS A 174 20.59 -9.38 -6.80
CA HIS A 174 20.83 -8.48 -7.92
C HIS A 174 19.52 -7.97 -8.52
N LYS A 175 18.49 -7.81 -7.71
CA LYS A 175 17.25 -7.26 -8.19
C LYS A 175 17.39 -5.73 -8.19
N SER A 176 17.03 -5.08 -9.30
N SER A 176 16.83 -5.09 -9.22
CA SER A 176 17.21 -3.63 -9.40
CA SER A 176 16.59 -3.65 -9.18
C SER A 176 16.24 -2.95 -8.43
C SER A 176 15.59 -3.38 -8.04
N LEU A 177 16.69 -1.87 -7.81
N LEU A 177 15.80 -2.30 -7.31
CA LEU A 177 15.83 -1.17 -6.87
CA LEU A 177 15.03 -2.08 -6.10
C LEU A 177 15.12 -0.03 -7.56
C LEU A 177 13.59 -1.70 -6.42
N THR A 178 13.84 0.09 -7.24
N THR A 178 12.65 -2.41 -5.82
CA THR A 178 12.97 1.05 -7.90
CA THR A 178 11.24 -2.11 -6.02
C THR A 178 11.91 1.55 -6.92
C THR A 178 10.67 -1.41 -4.80
N GLY A 179 11.57 0.74 -5.93
N GLY A 179 9.99 -0.31 -5.02
CA GLY A 179 10.42 1.02 -5.06
CA GLY A 179 9.29 0.36 -3.94
C GLY A 179 10.42 2.38 -4.34
C GLY A 179 9.94 1.63 -3.42
N THR A 180 9.82 2.40 -3.15
N THR A 180 9.26 2.30 -2.50
CA THR A 180 9.91 3.56 -2.27
CA THR A 180 9.73 3.58 -1.96
C THR A 180 10.94 3.21 -1.23
C THR A 180 10.79 3.37 -0.90
N ALA A 181 11.92 4.09 -1.05
CA ALA A 181 13.06 3.82 -0.18
C ALA A 181 12.65 3.91 1.26
N ARG A 182 11.72 4.82 1.60
CA ARG A 182 11.43 5.11 2.99
C ARG A 182 10.96 3.89 3.77
N TYR A 183 10.14 3.04 3.13
CA TYR A 183 9.49 1.96 3.89
C TYR A 183 10.08 0.59 3.58
N MET A 184 10.87 0.48 2.50
CA MET A 184 11.24 -0.85 2.05
C MET A 184 12.06 -1.62 3.11
N SER A 185 11.95 -2.94 3.05
CA SER A 185 12.63 -3.81 3.96
C SER A 185 14.15 -3.73 3.78
N ILE A 186 14.89 -4.08 4.82
CA ILE A 186 16.35 -4.15 4.73
C ILE A 186 16.77 -5.09 3.60
N ASN A 187 16.13 -6.27 3.47
CA ASN A 187 16.53 -7.20 2.44
C ASN A 187 16.24 -6.68 1.02
N THR A 188 15.22 -5.85 0.86
CA THR A 188 14.98 -5.19 -0.42
C THR A 188 16.21 -4.33 -0.77
N HIS A 189 16.68 -3.54 0.19
CA HIS A 189 17.84 -2.67 -0.04
C HIS A 189 19.07 -3.44 -0.54
N LEU A 190 19.19 -4.68 -0.06
CA LEU A 190 20.32 -5.55 -0.40
C LEU A 190 20.16 -6.21 -1.76
N GLY A 191 19.08 -5.90 -2.46
CA GLY A 191 18.89 -6.41 -3.81
C GLY A 191 18.32 -7.81 -3.86
N LYS A 192 17.81 -8.30 -2.73
CA LYS A 192 17.22 -9.63 -2.68
C LYS A 192 15.83 -9.65 -3.32
N GLU A 193 15.49 -10.79 -3.92
CA GLU A 193 14.12 -11.02 -4.34
C GLU A 193 13.21 -10.78 -3.15
N GLN A 194 12.15 -9.99 -3.34
CA GLN A 194 11.19 -9.77 -2.29
C GLN A 194 10.23 -10.96 -2.16
N SER A 195 9.76 -11.19 -0.94
CA SER A 195 8.77 -12.20 -0.66
C SER A 195 7.77 -11.72 0.39
N ARG A 196 6.97 -12.63 0.94
CA ARG A 196 5.90 -12.19 1.82
C ARG A 196 6.42 -11.38 3.00
N ARG A 197 7.58 -11.80 3.53
CA ARG A 197 8.13 -11.11 4.68
C ARG A 197 8.33 -9.61 4.42
N ASP A 198 8.75 -9.25 3.22
CA ASP A 198 9.12 -7.88 2.91
C ASP A 198 7.93 -6.95 2.94
N ASP A 199 6.76 -7.44 2.52
CA ASP A 199 5.53 -6.64 2.58
C ASP A 199 5.23 -6.33 4.04
N LEU A 200 5.37 -7.32 4.90
CA LEU A 200 5.06 -7.13 6.32
C LEU A 200 6.08 -6.22 7.00
N GLU A 201 7.35 -6.31 6.63
CA GLU A 201 8.34 -5.40 7.18
C GLU A 201 8.09 -3.95 6.74
N ALA A 202 7.77 -3.75 5.46
CA ALA A 202 7.48 -2.41 4.97
C ALA A 202 6.27 -1.82 5.74
N LEU A 203 5.27 -2.65 6.01
CA LEU A 203 4.15 -2.21 6.86
C LEU A 203 4.64 -1.75 8.23
N GLY A 204 5.53 -2.53 8.85
CA GLY A 204 6.09 -2.14 10.15
C GLY A 204 6.78 -0.78 10.11
N HIS A 205 7.60 -0.56 9.09
CA HIS A 205 8.23 0.73 8.91
C HIS A 205 7.19 1.84 8.82
N MET A 206 6.13 1.60 8.04
CA MET A 206 5.07 2.60 7.88
C MET A 206 4.37 2.86 9.22
N PHE A 207 4.07 1.81 9.98
CA PHE A 207 3.44 2.01 11.29
C PHE A 207 4.30 2.89 12.19
N MET A 208 5.61 2.66 12.18
CA MET A 208 6.52 3.48 13.01
C MET A 208 6.63 4.92 12.50
N TYR A 209 6.58 5.11 11.19
CA TYR A 209 6.46 6.46 10.59
C TYR A 209 5.25 7.21 11.17
N PHE A 210 4.11 6.54 11.19
CA PHE A 210 2.90 7.16 11.72
C PHE A 210 3.01 7.52 13.19
N LEU A 211 3.59 6.61 13.99
CA LEU A 211 3.68 6.80 15.44
C LEU A 211 4.67 7.88 15.82
N ARG A 212 5.81 7.87 15.15
CA ARG A 212 6.90 8.82 15.46
C ARG A 212 6.71 10.18 14.81
N GLY A 213 6.02 10.18 13.67
CA GLY A 213 5.94 11.36 12.82
C GLY A 213 6.94 11.36 11.67
N SER A 214 7.99 10.54 11.77
CA SER A 214 9.03 10.44 10.76
C SER A 214 9.86 9.20 11.05
N LEU A 215 10.72 8.84 10.12
CA LEU A 215 11.67 7.75 10.30
C LEU A 215 13.08 8.35 10.23
N PRO A 216 14.05 7.77 10.96
CA PRO A 216 15.36 8.46 11.08
C PRO A 216 16.27 8.50 9.82
N TRP A 217 15.85 7.78 8.78
CA TRP A 217 16.56 7.75 7.53
C TRP A 217 15.84 8.54 6.43
N GLN A 218 14.81 9.28 6.80
CA GLN A 218 13.93 9.91 5.85
C GLN A 218 14.57 11.06 5.09
N GLY A 219 15.49 11.76 5.75
CA GLY A 219 16.13 12.93 5.13
C GLY A 219 17.34 12.69 4.23
N LEU A 220 17.79 11.44 4.11
CA LEU A 220 19.05 11.14 3.40
C LEU A 220 18.96 11.41 1.88
N LYS A 221 20.00 12.04 1.35
CA LYS A 221 20.12 12.33 -0.09
C LYS A 221 21.47 11.83 -0.60
N ALA A 222 21.58 11.63 -1.91
CA ALA A 222 22.85 11.28 -2.54
C ALA A 222 22.85 11.75 -4.00
N ASP A 223 24.02 11.73 -4.64
CA ASP A 223 24.14 12.19 -6.02
C ASP A 223 23.51 11.23 -7.03
N THR A 224 23.36 9.96 -6.65
CA THR A 224 22.70 8.99 -7.49
C THR A 224 21.65 8.26 -6.67
N LEU A 225 20.60 7.78 -7.35
CA LEU A 225 19.55 7.00 -6.66
C LEU A 225 20.13 5.80 -5.93
N LYS A 226 21.06 5.11 -6.57
CA LYS A 226 21.65 3.91 -5.99
C LYS A 226 22.36 4.25 -4.67
N GLU A 227 23.11 5.35 -4.64
CA GLU A 227 23.81 5.76 -3.44
C GLU A 227 22.83 6.14 -2.34
N ARG A 228 21.74 6.77 -2.72
CA ARG A 228 20.71 7.16 -1.78
C ARG A 228 20.04 5.93 -1.15
N TYR A 229 19.65 4.96 -1.98
CA TYR A 229 19.10 3.70 -1.46
C TYR A 229 20.11 3.07 -0.51
N GLN A 230 21.39 3.11 -0.87
CA GLN A 230 22.41 2.48 -0.06
C GLN A 230 22.49 3.13 1.32
N LYS A 231 22.54 4.46 1.36
CA LYS A 231 22.67 5.18 2.63
C LYS A 231 21.46 4.89 3.51
N ILE A 232 20.27 4.88 2.90
CA ILE A 232 19.03 4.61 3.66
C ILE A 232 19.07 3.20 4.26
N GLY A 233 19.48 2.22 3.45
CA GLY A 233 19.60 0.86 3.94
C GLY A 233 20.62 0.75 5.05
N ASP A 234 21.74 1.47 4.89
CA ASP A 234 22.78 1.47 5.91
C ASP A 234 22.23 2.01 7.25
N THR A 235 21.47 3.10 7.19
CA THR A 235 20.85 3.69 8.37
C THR A 235 19.82 2.73 8.98
N LYS A 236 19.01 2.06 8.15
CA LYS A 236 18.07 1.07 8.68
C LYS A 236 18.83 -0.02 9.44
N ARG A 237 19.92 -0.51 8.88
CA ARG A 237 20.69 -1.56 9.54
C ARG A 237 21.36 -1.06 10.83
N ALA A 238 21.74 0.21 10.85
CA ALA A 238 22.46 0.80 11.97
C ALA A 238 21.53 1.32 13.08
N THR A 239 20.21 1.28 12.86
CA THR A 239 19.27 1.77 13.85
C THR A 239 18.65 0.59 14.59
N PRO A 240 19.03 0.37 15.86
CA PRO A 240 18.47 -0.77 16.56
C PRO A 240 16.93 -0.69 16.64
N ILE A 241 16.28 -1.85 16.53
CA ILE A 241 14.83 -1.93 16.65
C ILE A 241 14.37 -1.33 17.99
N GLU A 242 15.12 -1.59 19.07
CA GLU A 242 14.73 -1.10 20.39
C GLU A 242 14.74 0.43 20.48
N VAL A 243 15.56 1.04 19.62
CA VAL A 243 15.66 2.48 19.52
C VAL A 243 14.55 3.03 18.60
N LEU A 244 14.43 2.47 17.41
CA LEU A 244 13.37 2.89 16.49
C LEU A 244 12.01 2.83 17.14
N CYS A 245 11.79 1.74 17.88
CA CYS A 245 10.50 1.41 18.47
C CYS A 245 10.46 1.70 19.98
N GLU A 246 11.29 2.64 20.43
CA GLU A 246 11.26 3.07 21.81
C GLU A 246 9.81 3.44 22.16
N ASN A 247 9.31 2.90 23.26
CA ASN A 247 7.97 3.15 23.78
C ASN A 247 6.87 2.39 23.09
N PHE A 248 7.24 1.54 22.14
CA PHE A 248 6.28 0.70 21.44
C PHE A 248 6.79 -0.74 21.39
N PRO A 249 6.79 -1.43 22.55
CA PRO A 249 7.34 -2.79 22.63
C PRO A 249 6.75 -3.79 21.62
N GLU A 250 5.45 -3.71 21.37
CA GLU A 250 4.82 -4.65 20.46
C GLU A 250 5.25 -4.40 19.02
N MET A 251 5.51 -3.14 18.69
CA MET A 251 6.05 -2.83 17.37
C MET A 251 7.46 -3.40 17.22
N ALA A 252 8.25 -3.31 18.28
CA ALA A 252 9.59 -3.93 18.26
C ALA A 252 9.47 -5.43 18.04
N THR A 253 8.55 -6.09 18.74
CA THR A 253 8.34 -7.51 18.59
C THR A 253 7.88 -7.86 17.18
N TYR A 254 6.94 -7.07 16.66
CA TYR A 254 6.49 -7.23 15.27
C TYR A 254 7.67 -7.13 14.30
N LEU A 255 8.45 -6.06 14.42
CA LEU A 255 9.50 -5.81 13.45
C LEU A 255 10.60 -6.86 13.53
N ARG A 256 10.97 -7.25 14.75
CA ARG A 256 12.00 -8.28 14.90
C ARG A 256 11.53 -9.58 14.24
N TYR A 257 10.28 -9.94 14.48
CA TYR A 257 9.72 -11.14 13.91
C TYR A 257 9.78 -11.11 12.37
N VAL A 258 9.29 -10.02 11.76
CA VAL A 258 9.24 -10.01 10.32
C VAL A 258 10.64 -9.92 9.70
N ARG A 259 11.54 -9.22 10.38
CA ARG A 259 12.94 -9.11 9.90
C ARG A 259 13.63 -10.45 9.88
N ARG A 260 13.21 -11.35 10.76
CA ARG A 260 13.84 -12.66 10.93
C ARG A 260 13.17 -13.79 10.14
N LEU A 261 12.07 -13.49 9.44
CA LEU A 261 11.43 -14.50 8.59
C LEU A 261 12.39 -14.93 7.49
N ASP A 262 12.34 -16.21 7.16
CA ASP A 262 13.06 -16.72 6.03
C ASP A 262 12.33 -16.36 4.72
N PHE A 263 13.08 -16.35 3.62
CA PHE A 263 12.56 -15.95 2.33
C PHE A 263 11.30 -16.70 1.91
N PHE A 264 11.27 -18.00 2.17
CA PHE A 264 10.18 -18.86 1.72
C PHE A 264 9.01 -18.97 2.72
N GLU A 265 9.23 -18.48 3.94
CA GLU A 265 8.39 -18.79 5.09
C GLU A 265 7.02 -18.11 5.03
N LYS A 266 5.97 -18.86 5.38
CA LYS A 266 4.64 -18.27 5.57
C LYS A 266 4.61 -17.51 6.88
N PRO A 267 4.34 -16.20 6.83
CA PRO A 267 4.20 -15.47 8.11
C PRO A 267 3.07 -16.02 8.96
N ASP A 268 3.21 -15.91 10.28
CA ASP A 268 2.12 -16.22 11.19
C ASP A 268 1.28 -14.93 11.37
N TYR A 269 0.36 -14.72 10.43
CA TYR A 269 -0.47 -13.52 10.47
C TYR A 269 -1.32 -13.47 11.74
N ASP A 270 -1.78 -14.64 12.21
CA ASP A 270 -2.58 -14.71 13.43
C ASP A 270 -1.78 -14.14 14.61
N TYR A 271 -0.53 -14.56 14.72
CA TYR A 271 0.35 -14.11 15.77
C TYR A 271 0.54 -12.60 15.73
N LEU A 272 0.79 -12.06 14.53
CA LEU A 272 1.02 -10.61 14.40
C LEU A 272 -0.23 -9.83 14.75
N ARG A 273 -1.40 -10.29 14.28
CA ARG A 273 -2.64 -9.62 14.67
C ARG A 273 -2.83 -9.66 16.19
N LYS A 274 -2.55 -10.80 16.81
CA LYS A 274 -2.76 -10.95 18.25
C LYS A 274 -1.83 -10.05 19.08
N LEU A 275 -0.60 -9.85 18.62
CA LEU A 275 0.27 -8.88 19.26
C LEU A 275 -0.45 -7.54 19.41
N PHE A 276 -1.08 -7.11 18.33
CA PHE A 276 -1.73 -5.81 18.29
C PHE A 276 -3.11 -5.76 18.90
N THR A 277 -3.91 -6.86 18.78
CA THR A 277 -5.21 -6.84 19.43
C THR A 277 -5.09 -6.99 20.95
N ASP A 278 -4.09 -7.76 21.41
CA ASP A 278 -3.88 -7.87 22.85
C ASP A 278 -3.48 -6.51 23.42
N LEU A 279 -2.58 -5.83 22.72
CA LEU A 279 -2.16 -4.48 23.12
C LEU A 279 -3.35 -3.52 23.14
N PHE A 280 -4.12 -3.53 22.06
CA PHE A 280 -5.30 -2.68 21.90
C PHE A 280 -6.23 -2.84 23.11
N ASP A 281 -6.53 -4.09 23.46
CA ASP A 281 -7.41 -4.39 24.60
C ASP A 281 -6.79 -3.94 25.93
N ARG A 282 -5.49 -4.17 26.08
CA ARG A 282 -4.75 -3.80 27.33
C ARG A 282 -4.76 -2.27 27.57
N LYS A 283 -4.71 -1.50 26.48
CA LYS A 283 -4.79 -0.04 26.56
C LYS A 283 -6.22 0.48 26.80
N GLY A 284 -7.21 -0.40 26.73
CA GLY A 284 -8.60 -0.04 26.93
C GLY A 284 -9.25 0.61 25.72
N TYR A 285 -8.64 0.45 24.55
CA TYR A 285 -9.19 1.04 23.35
C TYR A 285 -10.41 0.25 22.91
N MET A 286 -11.35 0.95 22.27
CA MET A 286 -12.50 0.32 21.67
C MET A 286 -12.35 0.40 20.16
N PHE A 287 -12.56 -0.73 19.46
CA PHE A 287 -12.40 -0.78 18.00
C PHE A 287 -13.70 -0.26 17.40
N ASP A 288 -13.77 1.07 17.29
CA ASP A 288 -15.00 1.79 16.96
C ASP A 288 -14.83 2.64 15.70
N TYR A 289 -13.67 2.47 15.04
CA TYR A 289 -13.35 3.24 13.84
C TYR A 289 -13.30 4.75 14.05
N GLU A 290 -13.12 5.18 15.30
CA GLU A 290 -12.95 6.62 15.54
C GLU A 290 -11.48 7.00 15.41
N TYR A 291 -11.04 7.02 14.17
CA TYR A 291 -9.68 7.38 13.84
C TYR A 291 -9.43 8.85 14.16
N ASP A 292 -8.15 9.23 14.21
CA ASP A 292 -7.79 10.61 14.53
C ASP A 292 -8.43 11.63 13.60
N TRP A 293 -8.67 11.23 12.34
CA TRP A 293 -9.17 12.16 11.36
C TRP A 293 -10.68 12.39 11.41
N ILE A 294 -11.41 11.64 12.22
CA ILE A 294 -12.85 11.79 12.29
C ILE A 294 -13.15 13.19 12.83
N GLY A 295 -14.04 13.89 12.15
CA GLY A 295 -14.42 15.24 12.53
C GLY A 295 -13.65 16.33 11.79
N LYS A 296 -12.71 15.93 10.92
CA LYS A 296 -11.94 16.89 10.13
C LYS A 296 -12.46 16.97 8.71
N GLN A 297 -12.17 18.07 8.02
CA GLN A 297 -12.64 18.28 6.65
C GLN A 297 -11.76 17.51 5.67
N LEU A 298 -12.29 16.45 5.09
CA LEU A 298 -11.50 15.59 4.20
C LEU A 298 -11.53 16.10 2.75
N PRO A 299 -10.41 15.98 2.03
CA PRO A 299 -10.37 16.40 0.63
C PRO A 299 -11.20 15.47 -0.24
N THR A 300 -12.00 16.04 -1.15
CA THR A 300 -12.92 15.25 -1.98
C THR A 300 -13.01 15.79 -3.40
N PRO A 301 -12.91 14.91 -4.41
CA PRO A 301 -13.14 15.32 -5.79
C PRO A 301 -14.61 15.65 -6.10
N VAL A 302 -15.54 15.07 -5.31
CA VAL A 302 -16.98 15.24 -5.50
C VAL A 302 -17.50 14.29 -6.56
#